data_3RTX
#
_entry.id   3RTX
#
_cell.length_a   82.980
_cell.length_b   114.750
_cell.length_c   150.220
_cell.angle_alpha   90.000
_cell.angle_beta   90.000
_cell.angle_gamma   90.000
#
_symmetry.space_group_name_H-M   'I 2 2 2'
#
loop_
_entity.id
_entity.type
_entity.pdbx_description
1 polymer 'mRNA-capping enzyme'
2 polymer 'RNA Polymerase II C-terminal domain'
3 non-polymer GUANINE
4 water water
#
loop_
_entity_poly.entity_id
_entity_poly.type
_entity_poly.pdbx_seq_one_letter_code
_entity_poly.pdbx_strand_id
1 'polypeptide(L)'
;SLKLGAIFLEGITVKGVTQVTTQPKLGEVQQKCHQFCGWEGSGFPGAQPVSMDKQNIRLLEQKPYKVSWKADGTRYMMLI
DGTNEVFMIDRDNSVFHVSNLEFPFRKDLRMHLSNTLLDGEMIIDKVNGQAVPRYLIYDIIKFNAQPVGDCDFNIRLQCI
EREIISPRHEKMKTGLIDKTQEPFSVRPKQFFDINISRKLLEGNFAKEVSHEMDGLIFQPIGKYKPGRCDDILKWKPPSL
NSVDFRLKITRMGGEGLLPQNVGLLYVGGYERPFAQIKVTKELKQYDNKIIECKFENNSWVFMRQRIDKSFPNAYNTAMA
VCNSISNPVTKEMLFEFIDRCAA
;
A,B
2 'polypeptide(L)' T(SEP)PSY(SEP)PT(SEP)PSY(SEP)PT(SEP)PS C
#
loop_
_chem_comp.id
_chem_comp.type
_chem_comp.name
_chem_comp.formula
GUN non-polymer GUANINE 'C5 H5 N5 O'
#
# COMPACT_ATOMS: atom_id res chain seq x y z
N SER A 1 38.58 5.95 -1.86
CA SER A 1 38.88 7.28 -2.46
C SER A 1 37.85 8.33 -2.01
N LEU A 2 38.33 9.55 -1.78
CA LEU A 2 37.47 10.64 -1.33
C LEU A 2 37.19 11.65 -2.43
N LYS A 3 36.01 12.26 -2.39
CA LYS A 3 35.62 13.26 -3.37
C LYS A 3 35.44 14.61 -2.69
N LEU A 4 36.47 15.43 -2.70
CA LEU A 4 36.42 16.75 -2.08
C LEU A 4 35.52 17.68 -2.87
N GLY A 5 34.79 18.54 -2.17
CA GLY A 5 33.91 19.48 -2.81
C GLY A 5 32.57 18.86 -3.19
N ALA A 6 32.29 17.68 -2.65
CA ALA A 6 31.05 16.99 -2.94
C ALA A 6 29.87 17.95 -2.78
N ILE A 7 28.86 17.79 -3.64
CA ILE A 7 27.67 18.63 -3.60
C ILE A 7 26.49 17.78 -3.16
N PHE A 8 25.64 18.33 -2.29
CA PHE A 8 24.49 17.58 -1.81
C PHE A 8 23.36 17.60 -2.82
N LEU A 9 23.09 18.77 -3.37
CA LEU A 9 22.03 18.94 -4.37
C LEU A 9 22.42 20.04 -5.34
N GLU A 10 22.80 19.68 -6.56
CA GLU A 10 23.19 20.67 -7.55
C GLU A 10 22.13 21.77 -7.58
N GLY A 11 22.59 23.00 -7.38
CA GLY A 11 21.66 24.12 -7.38
C GLY A 11 21.44 24.65 -5.98
N ILE A 12 20.24 24.44 -5.46
CA ILE A 12 19.88 24.90 -4.12
C ILE A 12 20.94 24.59 -3.06
N THR A 13 21.16 25.53 -2.16
CA THR A 13 22.12 25.37 -1.08
C THR A 13 21.36 25.00 0.18
N VAL A 14 21.74 23.89 0.81
CA VAL A 14 21.06 23.43 2.01
C VAL A 14 21.88 23.58 3.29
N LYS A 15 21.56 24.57 4.10
CA LYS A 15 22.27 24.78 5.36
C LYS A 15 21.93 23.62 6.27
N GLY A 16 22.90 23.18 7.07
CA GLY A 16 22.65 22.07 7.96
C GLY A 16 23.11 20.76 7.34
N VAL A 17 23.36 20.80 6.03
CA VAL A 17 23.83 19.61 5.31
C VAL A 17 25.24 19.80 4.82
N THR A 18 26.21 19.26 5.56
CA THR A 18 27.61 19.39 5.18
C THR A 18 28.30 18.05 5.04
N GLN A 19 29.16 17.94 4.03
CA GLN A 19 29.88 16.70 3.77
C GLN A 19 30.87 16.34 4.86
N VAL A 20 30.84 15.08 5.26
CA VAL A 20 31.75 14.56 6.26
C VAL A 20 33.03 14.16 5.55
N THR A 21 34.16 14.65 6.03
CA THR A 21 35.45 14.34 5.45
C THR A 21 36.36 13.84 6.56
N THR A 22 35.96 14.13 7.80
CA THR A 22 36.72 13.72 8.96
C THR A 22 36.69 12.21 9.09
N GLN A 23 37.68 11.67 9.79
CA GLN A 23 37.80 10.24 10.01
C GLN A 23 37.96 10.11 11.53
N PRO A 24 37.58 8.96 12.11
CA PRO A 24 37.01 7.71 11.58
C PRO A 24 35.53 7.76 11.25
N LYS A 25 34.88 8.86 11.57
CA LYS A 25 33.45 8.99 11.32
C LYS A 25 33.05 8.65 9.89
N LEU A 26 33.92 8.94 8.94
CA LEU A 26 33.62 8.64 7.55
C LEU A 26 33.57 7.13 7.31
N GLY A 27 34.64 6.42 7.70
CA GLY A 27 34.68 4.98 7.53
C GLY A 27 33.67 4.25 8.38
N GLU A 28 33.30 4.83 9.51
CA GLU A 28 32.33 4.21 10.40
C GLU A 28 30.96 4.20 9.74
N VAL A 29 30.57 5.36 9.20
CA VAL A 29 29.29 5.53 8.52
C VAL A 29 29.19 4.62 7.30
N GLN A 30 30.23 4.60 6.47
CA GLN A 30 30.24 3.75 5.30
C GLN A 30 30.21 2.29 5.68
N GLN A 31 31.06 1.91 6.63
CA GLN A 31 31.13 0.53 7.12
C GLN A 31 29.77 0.06 7.62
N LYS A 32 29.14 0.88 8.46
CA LYS A 32 27.84 0.53 9.00
C LYS A 32 26.82 0.31 7.88
N CYS A 33 26.87 1.14 6.85
CA CYS A 33 25.94 0.99 5.72
C CYS A 33 26.16 -0.34 5.02
N HIS A 34 27.40 -0.62 4.65
CA HIS A 34 27.73 -1.87 3.97
C HIS A 34 27.32 -3.11 4.75
N GLN A 35 27.46 -3.07 6.08
CA GLN A 35 27.09 -4.22 6.88
C GLN A 35 25.57 -4.42 6.89
N PHE A 36 24.81 -3.34 7.03
CA PHE A 36 23.35 -3.40 7.04
C PHE A 36 22.83 -3.93 5.69
N CYS A 37 23.49 -3.55 4.60
CA CYS A 37 23.10 -3.99 3.27
C CYS A 37 23.77 -5.32 2.96
N GLY A 38 24.65 -5.77 3.84
CA GLY A 38 25.35 -7.02 3.60
C GLY A 38 26.16 -7.00 2.32
N TRP A 39 26.56 -5.80 1.90
CA TRP A 39 27.34 -5.64 0.70
C TRP A 39 28.79 -5.96 1.02
N GLU A 40 29.48 -6.60 0.07
CA GLU A 40 30.86 -6.97 0.28
C GLU A 40 31.81 -6.04 -0.48
N GLY A 41 31.39 -5.61 -1.66
CA GLY A 41 32.20 -4.73 -2.46
C GLY A 41 32.59 -3.47 -1.73
N SER A 42 32.96 -2.44 -2.47
CA SER A 42 33.35 -1.17 -1.87
C SER A 42 32.47 -0.03 -2.35
N GLY A 43 31.83 -0.22 -3.50
CA GLY A 43 30.97 0.80 -4.06
C GLY A 43 29.67 1.04 -3.30
N PHE A 44 28.66 1.52 -4.01
CA PHE A 44 27.35 1.80 -3.43
C PHE A 44 26.64 0.49 -3.12
N PRO A 45 26.35 0.25 -1.83
CA PRO A 45 25.67 -0.96 -1.37
C PRO A 45 24.19 -1.01 -1.74
N GLY A 46 23.65 0.17 -2.09
CA GLY A 46 22.25 0.27 -2.44
C GLY A 46 21.78 -0.54 -3.64
N ALA A 47 20.49 -0.80 -3.69
CA ALA A 47 19.90 -1.58 -4.77
C ALA A 47 19.86 -0.77 -6.07
N GLN A 48 20.17 -1.44 -7.17
CA GLN A 48 20.18 -0.82 -8.49
C GLN A 48 19.17 -1.48 -9.41
N PRO A 49 18.14 -0.73 -9.85
CA PRO A 49 17.11 -1.25 -10.75
C PRO A 49 17.68 -1.45 -12.14
N VAL A 50 16.86 -1.98 -13.04
CA VAL A 50 17.26 -2.20 -14.43
C VAL A 50 16.13 -1.78 -15.34
N SER A 51 16.47 -1.20 -16.49
CA SER A 51 15.46 -0.75 -17.44
C SER A 51 14.61 -1.91 -17.91
N MET A 52 13.31 -1.65 -18.07
CA MET A 52 12.37 -2.66 -18.52
C MET A 52 12.57 -2.94 -20.01
N ASP A 53 12.34 -4.18 -20.43
CA ASP A 53 12.47 -4.57 -21.82
C ASP A 53 11.47 -5.69 -22.13
N LYS A 54 11.24 -5.94 -23.41
CA LYS A 54 10.29 -6.96 -23.85
C LYS A 54 10.45 -8.35 -23.24
N GLN A 55 11.48 -8.53 -22.41
CA GLN A 55 11.73 -9.82 -21.78
C GLN A 55 11.33 -9.83 -20.31
N ASN A 56 12.02 -9.05 -19.48
CA ASN A 56 11.71 -9.00 -18.06
C ASN A 56 10.33 -8.41 -17.77
N ILE A 57 9.68 -7.85 -18.79
CA ILE A 57 8.36 -7.28 -18.61
C ILE A 57 7.37 -8.37 -18.24
N ARG A 58 7.74 -9.63 -18.51
CA ARG A 58 6.86 -10.75 -18.20
C ARG A 58 6.80 -11.03 -16.71
N LEU A 59 7.75 -10.46 -15.97
CA LEU A 59 7.81 -10.65 -14.52
C LEU A 59 6.61 -10.08 -13.80
N LEU A 60 5.86 -9.20 -14.48
CA LEU A 60 4.69 -8.58 -13.88
C LEU A 60 3.51 -9.52 -13.74
N GLU A 61 3.48 -10.58 -14.54
CA GLU A 61 2.40 -11.55 -14.47
C GLU A 61 2.83 -12.77 -13.66
N GLN A 62 4.12 -12.81 -13.32
CA GLN A 62 4.68 -13.93 -12.56
C GLN A 62 4.73 -13.77 -11.05
N LYS A 63 4.50 -12.57 -10.55
CA LYS A 63 4.53 -12.33 -9.12
C LYS A 63 4.06 -10.91 -8.81
N PRO A 64 3.61 -10.66 -7.57
CA PRO A 64 3.11 -9.36 -7.11
C PRO A 64 4.13 -8.22 -7.18
N TYR A 65 3.67 -7.08 -7.69
CA TYR A 65 4.49 -5.87 -7.80
C TYR A 65 3.70 -4.66 -7.35
N LYS A 66 4.40 -3.55 -7.16
CA LYS A 66 3.81 -2.28 -6.78
C LYS A 66 4.46 -1.26 -7.72
N VAL A 67 3.77 -0.17 -8.01
CA VAL A 67 4.33 0.82 -8.91
C VAL A 67 4.28 2.22 -8.29
N SER A 68 5.03 3.14 -8.87
CA SER A 68 5.06 4.52 -8.39
C SER A 68 5.79 5.41 -9.38
N TRP A 69 5.61 6.72 -9.25
CA TRP A 69 6.26 7.67 -10.14
C TRP A 69 7.78 7.54 -10.05
N LYS A 70 8.45 7.63 -11.19
CA LYS A 70 9.90 7.55 -11.25
C LYS A 70 10.43 8.97 -11.33
N ALA A 71 10.67 9.57 -10.17
CA ALA A 71 11.17 10.94 -10.09
C ALA A 71 12.62 11.12 -10.58
N ASP A 72 12.97 12.36 -10.87
CA ASP A 72 14.31 12.70 -11.34
C ASP A 72 15.12 13.28 -10.18
N GLY A 73 15.23 12.51 -9.10
CA GLY A 73 15.96 12.96 -7.94
C GLY A 73 17.30 12.29 -7.78
N THR A 74 18.09 12.74 -6.81
CA THR A 74 19.41 12.18 -6.56
C THR A 74 19.33 11.08 -5.51
N ARG A 75 19.87 9.92 -5.82
CA ARG A 75 19.85 8.79 -4.91
C ARG A 75 20.67 9.07 -3.64
N TYR A 76 20.10 8.69 -2.50
CA TYR A 76 20.75 8.90 -1.21
C TYR A 76 20.25 7.93 -0.14
N MET A 77 21.17 7.25 0.53
CA MET A 77 20.79 6.36 1.61
C MET A 77 20.93 7.19 2.87
N MET A 78 19.98 7.05 3.78
CA MET A 78 20.02 7.81 5.02
C MET A 78 20.26 6.91 6.23
N LEU A 79 21.45 7.02 6.82
CA LEU A 79 21.80 6.24 8.00
C LEU A 79 21.44 7.05 9.24
N ILE A 80 20.38 6.63 9.93
CA ILE A 80 19.94 7.30 11.14
C ILE A 80 20.45 6.44 12.30
N ASP A 81 21.44 6.94 13.03
CA ASP A 81 21.99 6.17 14.12
C ASP A 81 22.32 6.98 15.36
N GLY A 82 21.29 7.37 16.10
CA GLY A 82 21.51 8.15 17.30
C GLY A 82 21.19 9.62 17.07
N THR A 83 21.19 10.40 18.14
CA THR A 83 20.89 11.82 18.03
C THR A 83 22.05 12.57 17.35
N ASN A 84 21.69 13.42 16.40
CA ASN A 84 22.69 14.19 15.68
C ASN A 84 23.64 13.27 14.92
N GLU A 85 23.12 12.10 14.53
CA GLU A 85 23.89 11.11 13.79
C GLU A 85 23.11 10.73 12.53
N VAL A 86 22.59 11.73 11.84
CA VAL A 86 21.84 11.51 10.61
C VAL A 86 22.76 11.78 9.42
N PHE A 87 23.02 10.75 8.62
CA PHE A 87 23.91 10.89 7.46
C PHE A 87 23.30 10.48 6.11
N MET A 88 23.73 11.16 5.05
CA MET A 88 23.26 10.87 3.68
C MET A 88 24.44 10.29 2.90
N ILE A 89 24.19 9.23 2.12
CA ILE A 89 25.24 8.59 1.34
C ILE A 89 24.80 8.50 -0.12
N ASP A 90 25.64 8.96 -1.05
CA ASP A 90 25.28 8.91 -2.47
C ASP A 90 25.95 7.76 -3.20
N ARG A 91 25.82 7.75 -4.52
CA ARG A 91 26.41 6.69 -5.35
C ARG A 91 27.93 6.68 -5.29
N ASP A 92 28.53 7.86 -5.14
CA ASP A 92 29.99 7.98 -5.08
C ASP A 92 30.50 7.64 -3.68
N ASN A 93 29.58 7.28 -2.80
CA ASN A 93 29.91 6.94 -1.42
C ASN A 93 30.29 8.17 -0.60
N SER A 94 29.85 9.34 -1.08
CA SER A 94 30.12 10.57 -0.36
C SER A 94 29.16 10.56 0.81
N VAL A 95 29.58 11.13 1.93
CA VAL A 95 28.75 11.17 3.12
C VAL A 95 28.47 12.61 3.56
N PHE A 96 27.21 12.92 3.80
CA PHE A 96 26.84 14.26 4.25
C PHE A 96 26.14 14.17 5.58
N HIS A 97 26.53 15.06 6.51
CA HIS A 97 25.91 15.10 7.83
C HIS A 97 24.76 16.11 7.79
N VAL A 98 23.62 15.74 8.37
CA VAL A 98 22.44 16.59 8.38
C VAL A 98 22.08 17.04 9.80
N SER A 99 22.13 18.34 10.05
CA SER A 99 21.80 18.87 11.37
C SER A 99 20.34 19.31 11.46
N ASN A 100 19.75 19.06 12.62
CA ASN A 100 18.36 19.43 12.92
C ASN A 100 17.28 18.62 12.22
N LEU A 101 17.58 17.36 11.91
CA LEU A 101 16.60 16.48 11.29
C LEU A 101 16.47 15.32 12.26
N GLU A 102 15.58 15.47 13.22
CA GLU A 102 15.35 14.46 14.25
C GLU A 102 14.39 13.35 13.87
N PHE A 103 14.69 12.15 14.35
CA PHE A 103 13.85 10.97 14.10
C PHE A 103 13.57 10.31 15.45
N PRO A 104 12.46 10.72 16.10
CA PRO A 104 11.99 10.23 17.40
C PRO A 104 11.50 8.78 17.37
N PHE A 105 11.55 8.13 18.52
CA PHE A 105 11.09 6.75 18.62
C PHE A 105 9.58 6.70 18.81
N ARG A 106 8.91 5.91 18.00
CA ARG A 106 7.46 5.78 18.05
C ARG A 106 6.86 5.71 19.46
N LYS A 107 7.53 5.03 20.37
CA LYS A 107 7.02 4.88 21.73
C LYS A 107 7.49 5.92 22.76
N ASP A 108 8.63 6.55 22.50
CA ASP A 108 9.15 7.55 23.43
C ASP A 108 9.72 8.71 22.62
N LEU A 109 8.90 9.73 22.36
CA LEU A 109 9.35 10.87 21.56
C LEU A 109 10.61 11.58 22.05
N ARG A 110 11.04 11.30 23.28
CA ARG A 110 12.26 11.94 23.80
C ARG A 110 13.47 11.11 23.37
N MET A 111 13.22 9.91 22.87
CA MET A 111 14.28 9.02 22.40
C MET A 111 14.53 9.27 20.92
N HIS A 112 15.65 8.76 20.43
CA HIS A 112 15.99 8.94 19.03
C HIS A 112 16.35 7.58 18.44
N LEU A 113 15.92 7.34 17.21
CA LEU A 113 16.19 6.08 16.54
C LEU A 113 17.68 5.93 16.27
N SER A 114 18.10 4.71 15.97
CA SER A 114 19.49 4.40 15.67
C SER A 114 19.56 3.09 14.89
N ASN A 115 20.75 2.72 14.42
CA ASN A 115 20.88 1.50 13.64
C ASN A 115 19.76 1.41 12.61
N THR A 116 19.44 2.55 12.00
CA THR A 116 18.38 2.65 11.01
C THR A 116 18.95 3.14 9.68
N LEU A 117 18.52 2.50 8.59
CA LEU A 117 18.99 2.86 7.27
C LEU A 117 17.85 2.92 6.28
N LEU A 118 17.56 4.13 5.80
CA LEU A 118 16.49 4.34 4.83
C LEU A 118 17.12 4.43 3.45
N ASP A 119 16.30 4.26 2.42
CA ASP A 119 16.79 4.35 1.05
C ASP A 119 15.75 5.18 0.30
N GLY A 120 16.23 6.07 -0.54
CA GLY A 120 15.31 6.91 -1.30
C GLY A 120 16.11 7.92 -2.09
N GLU A 121 15.45 8.98 -2.51
CA GLU A 121 16.14 10.00 -3.27
C GLU A 121 15.82 11.40 -2.79
N MET A 122 16.61 12.35 -3.26
CA MET A 122 16.46 13.75 -2.89
C MET A 122 15.85 14.50 -4.08
N ILE A 123 14.75 15.20 -3.86
CA ILE A 123 14.11 15.96 -4.93
C ILE A 123 14.04 17.45 -4.59
N ILE A 124 13.89 18.26 -5.63
CA ILE A 124 13.78 19.71 -5.47
C ILE A 124 12.38 20.11 -5.92
N ASP A 125 11.43 20.07 -4.98
CA ASP A 125 10.05 20.42 -5.28
C ASP A 125 9.83 21.92 -5.29
N LYS A 126 8.80 22.35 -6.02
CA LYS A 126 8.46 23.77 -6.12
C LYS A 126 7.17 24.09 -5.36
N VAL A 127 7.33 24.64 -4.17
CA VAL A 127 6.18 24.99 -3.33
C VAL A 127 6.00 26.51 -3.31
N ASN A 128 4.78 26.95 -3.59
CA ASN A 128 4.46 28.37 -3.59
C ASN A 128 5.35 29.11 -4.59
N GLY A 129 5.84 28.38 -5.58
CA GLY A 129 6.71 28.98 -6.57
C GLY A 129 8.09 29.24 -6.01
N GLN A 130 8.65 28.24 -5.34
CA GLN A 130 9.97 28.36 -4.75
C GLN A 130 10.62 27.00 -4.59
N ALA A 131 11.94 26.94 -4.79
CA ALA A 131 12.68 25.70 -4.67
C ALA A 131 12.69 25.22 -3.22
N VAL A 132 12.35 23.96 -3.01
CA VAL A 132 12.33 23.36 -1.68
C VAL A 132 12.70 21.88 -1.79
N PRO A 133 13.81 21.48 -1.15
CA PRO A 133 14.27 20.09 -1.20
C PRO A 133 13.45 19.15 -0.33
N ARG A 134 13.21 17.94 -0.84
CA ARG A 134 12.45 16.94 -0.12
C ARG A 134 13.14 15.58 -0.24
N TYR A 135 13.05 14.78 0.82
CA TYR A 135 13.64 13.44 0.77
C TYR A 135 12.49 12.46 0.72
N LEU A 136 12.46 11.64 -0.31
CA LEU A 136 11.41 10.65 -0.46
C LEU A 136 11.95 9.30 -0.01
N ILE A 137 11.27 8.69 0.94
CA ILE A 137 11.70 7.39 1.45
C ILE A 137 11.13 6.29 0.57
N TYR A 138 12.02 5.62 -0.15
CA TYR A 138 11.61 4.54 -1.03
C TYR A 138 11.56 3.21 -0.29
N ASP A 139 12.62 2.89 0.45
CA ASP A 139 12.67 1.64 1.18
C ASP A 139 13.29 1.82 2.55
N ILE A 140 13.39 0.72 3.28
CA ILE A 140 14.00 0.73 4.61
C ILE A 140 14.71 -0.60 4.81
N ILE A 141 16.04 -0.53 4.96
CA ILE A 141 16.84 -1.75 5.14
C ILE A 141 16.90 -2.26 6.57
N LYS A 142 17.01 -1.36 7.52
CA LYS A 142 17.12 -1.77 8.91
C LYS A 142 16.52 -0.75 9.89
N PHE A 143 15.66 -1.24 10.79
CA PHE A 143 15.01 -0.40 11.79
C PHE A 143 15.44 -0.80 13.20
N ASN A 144 16.10 0.12 13.91
CA ASN A 144 16.57 -0.17 15.26
C ASN A 144 17.33 -1.50 15.31
N ALA A 145 18.20 -1.72 14.33
CA ALA A 145 19.01 -2.93 14.25
C ALA A 145 18.22 -4.18 13.86
N GLN A 146 16.95 -4.00 13.53
CA GLN A 146 16.09 -5.11 13.13
C GLN A 146 16.12 -5.26 11.62
N PRO A 147 16.30 -6.49 11.12
CA PRO A 147 16.37 -6.80 9.68
C PRO A 147 15.05 -6.64 8.91
N VAL A 148 14.34 -5.54 9.14
CA VAL A 148 13.08 -5.30 8.46
C VAL A 148 13.25 -5.36 6.94
N GLY A 149 14.48 -5.20 6.47
CA GLY A 149 14.72 -5.26 5.05
C GLY A 149 14.42 -6.63 4.48
N ASP A 150 14.42 -7.64 5.34
CA ASP A 150 14.14 -9.00 4.94
C ASP A 150 12.65 -9.29 4.80
N CYS A 151 11.82 -8.36 5.26
CA CYS A 151 10.38 -8.53 5.21
C CYS A 151 9.85 -8.16 3.83
N ASP A 152 8.62 -8.57 3.54
CA ASP A 152 8.05 -8.25 2.24
C ASP A 152 7.98 -6.74 2.14
N PHE A 153 7.83 -6.23 0.92
CA PHE A 153 7.75 -4.80 0.70
C PHE A 153 6.59 -4.19 1.46
N ASN A 154 5.50 -4.94 1.59
CA ASN A 154 4.32 -4.46 2.29
C ASN A 154 4.64 -3.99 3.70
N ILE A 155 5.34 -4.87 4.44
CA ILE A 155 5.73 -4.61 5.82
C ILE A 155 6.72 -3.46 5.92
N ARG A 156 7.63 -3.39 4.97
CA ARG A 156 8.61 -2.32 4.97
C ARG A 156 7.94 -0.95 4.80
N LEU A 157 6.95 -0.89 3.94
CA LEU A 157 6.24 0.37 3.70
C LEU A 157 5.47 0.81 4.94
N GLN A 158 4.99 -0.15 5.72
CA GLN A 158 4.24 0.16 6.94
C GLN A 158 5.22 0.60 8.01
N CYS A 159 6.39 -0.02 8.00
CA CYS A 159 7.40 0.31 8.97
C CYS A 159 7.80 1.79 8.83
N ILE A 160 7.96 2.22 7.59
CA ILE A 160 8.34 3.60 7.30
C ILE A 160 7.28 4.56 7.81
N GLU A 161 6.03 4.31 7.44
CA GLU A 161 4.93 5.16 7.89
C GLU A 161 4.81 5.11 9.41
N ARG A 162 4.62 3.90 9.94
CA ARG A 162 4.47 3.67 11.36
C ARG A 162 5.68 4.04 12.22
N GLU A 163 6.86 3.57 11.83
CA GLU A 163 8.07 3.82 12.62
C GLU A 163 8.83 5.11 12.33
N ILE A 164 8.85 5.55 11.07
CA ILE A 164 9.59 6.76 10.72
C ILE A 164 8.76 8.02 10.57
N ILE A 165 7.80 8.00 9.64
CA ILE A 165 6.97 9.16 9.38
C ILE A 165 6.05 9.56 10.53
N SER A 166 5.31 8.61 11.06
CA SER A 166 4.37 8.88 12.14
C SER A 166 4.98 9.57 13.35
N PRO A 167 6.04 8.99 13.94
CA PRO A 167 6.65 9.65 15.10
C PRO A 167 7.08 11.08 14.84
N ARG A 168 7.65 11.34 13.68
CA ARG A 168 8.09 12.69 13.34
C ARG A 168 6.92 13.66 13.30
N HIS A 169 5.80 13.21 12.75
CA HIS A 169 4.61 14.05 12.65
C HIS A 169 4.04 14.33 14.04
N GLU A 170 4.21 13.38 14.94
CA GLU A 170 3.70 13.52 16.29
C GLU A 170 4.44 14.59 17.07
N LYS A 171 5.76 14.61 16.92
CA LYS A 171 6.57 15.60 17.63
C LYS A 171 6.45 16.99 17.01
N MET A 172 6.11 17.04 15.72
CA MET A 172 5.95 18.34 15.05
C MET A 172 4.67 19.01 15.51
N LYS A 173 3.61 18.22 15.64
CA LYS A 173 2.30 18.71 16.04
C LYS A 173 2.15 18.87 17.55
N THR A 174 3.01 18.17 18.29
CA THR A 174 2.93 18.21 19.74
C THR A 174 4.15 18.80 20.45
N GLY A 175 5.35 18.41 20.01
CA GLY A 175 6.55 18.91 20.65
C GLY A 175 7.14 20.12 19.96
N LEU A 176 8.47 20.19 19.90
CA LEU A 176 9.14 21.31 19.27
C LEU A 176 10.00 20.95 18.07
N ILE A 177 9.36 20.38 17.04
CA ILE A 177 10.07 20.04 15.81
C ILE A 177 9.54 20.95 14.72
N ASP A 178 10.22 22.09 14.55
CA ASP A 178 9.82 23.07 13.55
C ASP A 178 10.22 22.60 12.15
N LYS A 179 9.24 22.37 11.30
CA LYS A 179 9.51 21.91 9.94
C LYS A 179 10.08 23.02 9.06
N THR A 180 10.28 24.20 9.65
CA THR A 180 10.83 25.33 8.91
C THR A 180 12.32 25.51 9.23
N GLN A 181 12.75 24.96 10.37
CA GLN A 181 14.15 25.04 10.77
C GLN A 181 14.89 23.79 10.30
N GLU A 182 14.13 22.78 9.87
CA GLU A 182 14.69 21.54 9.38
C GLU A 182 15.32 21.76 8.01
N PRO A 183 16.44 21.06 7.72
CA PRO A 183 17.16 21.18 6.45
C PRO A 183 16.26 20.91 5.25
N PHE A 184 15.43 19.88 5.36
CA PHE A 184 14.53 19.50 4.29
C PHE A 184 13.43 18.60 4.84
N SER A 185 12.36 18.45 4.07
CA SER A 185 11.24 17.61 4.50
C SER A 185 11.49 16.14 4.21
N VAL A 186 10.86 15.28 5.01
CA VAL A 186 10.99 13.84 4.84
C VAL A 186 9.60 13.25 4.62
N ARG A 187 9.29 12.97 3.36
CA ARG A 187 8.00 12.40 3.01
C ARG A 187 8.19 10.97 2.48
N PRO A 188 7.22 10.10 2.72
CA PRO A 188 7.29 8.71 2.26
C PRO A 188 6.86 8.54 0.81
N LYS A 189 7.57 7.69 0.08
CA LYS A 189 7.22 7.44 -1.31
C LYS A 189 5.93 6.62 -1.29
N GLN A 190 5.02 6.90 -2.21
CA GLN A 190 3.77 6.17 -2.26
C GLN A 190 3.67 5.19 -3.42
N PHE A 191 3.34 3.93 -3.10
CA PHE A 191 3.20 2.87 -4.10
C PHE A 191 1.76 2.41 -4.27
N PHE A 192 1.43 1.92 -5.47
CA PHE A 192 0.08 1.47 -5.75
C PHE A 192 0.08 0.15 -6.47
N ASP A 193 -1.12 -0.41 -6.63
CA ASP A 193 -1.30 -1.67 -7.34
C ASP A 193 -1.02 -1.42 -8.81
N ILE A 194 -0.18 -2.26 -9.42
CA ILE A 194 0.17 -2.08 -10.82
C ILE A 194 -1.03 -1.97 -11.76
N ASN A 195 -2.18 -2.45 -11.33
CA ASN A 195 -3.37 -2.40 -12.17
C ASN A 195 -3.92 -0.97 -12.22
N ILE A 196 -3.06 0.00 -11.92
CA ILE A 196 -3.43 1.42 -11.95
C ILE A 196 -2.24 2.27 -12.40
N SER A 197 -1.31 1.65 -13.11
CA SER A 197 -0.14 2.36 -13.62
C SER A 197 -0.60 3.48 -14.54
N ARG A 198 -1.62 3.18 -15.34
CA ARG A 198 -2.16 4.15 -16.28
C ARG A 198 -2.45 5.49 -15.62
N LYS A 199 -3.25 5.49 -14.56
CA LYS A 199 -3.59 6.71 -13.85
C LYS A 199 -2.38 7.57 -13.49
N LEU A 200 -1.24 6.92 -13.23
CA LEU A 200 -0.03 7.65 -12.87
C LEU A 200 0.61 8.44 -14.00
N LEU A 201 0.28 8.09 -15.24
CA LEU A 201 0.85 8.77 -16.40
C LEU A 201 -0.18 9.60 -17.15
N GLU A 202 -0.60 10.71 -16.54
CA GLU A 202 -1.58 11.60 -17.16
C GLU A 202 -1.32 13.05 -16.75
N GLY A 203 -0.88 13.24 -15.51
CA GLY A 203 -0.61 14.58 -15.02
C GLY A 203 0.59 15.21 -15.69
N ASP A 214 10.52 11.38 -16.08
CA ASP A 214 9.12 11.16 -15.74
C ASP A 214 8.61 9.80 -16.22
N GLY A 215 8.89 8.76 -15.45
CA GLY A 215 8.46 7.42 -15.81
C GLY A 215 7.90 6.65 -14.62
N LEU A 216 7.91 5.32 -14.71
CA LEU A 216 7.42 4.46 -13.64
C LEU A 216 8.52 3.54 -13.12
N ILE A 217 8.28 2.91 -11.98
CA ILE A 217 9.23 1.98 -11.39
C ILE A 217 8.44 0.86 -10.71
N PHE A 218 8.69 -0.37 -11.11
CA PHE A 218 7.99 -1.53 -10.55
C PHE A 218 8.81 -2.34 -9.54
N GLN A 219 8.41 -2.28 -8.27
CA GLN A 219 9.08 -2.99 -7.19
C GLN A 219 8.30 -4.25 -6.80
N PRO A 220 8.99 -5.39 -6.70
CA PRO A 220 8.34 -6.66 -6.33
C PRO A 220 8.18 -6.73 -4.81
N ILE A 221 7.39 -7.68 -4.31
CA ILE A 221 7.19 -7.81 -2.88
C ILE A 221 8.34 -8.53 -2.18
N GLY A 222 9.29 -9.03 -2.98
CA GLY A 222 10.42 -9.73 -2.42
C GLY A 222 11.14 -8.87 -1.40
N LYS A 223 12.13 -9.45 -0.73
CA LYS A 223 12.88 -8.71 0.28
C LYS A 223 14.00 -7.88 -0.32
N TYR A 224 14.48 -6.91 0.46
CA TYR A 224 15.55 -6.02 0.01
C TYR A 224 16.81 -6.79 -0.37
N LYS A 225 17.44 -6.35 -1.46
CA LYS A 225 18.66 -6.98 -1.97
C LYS A 225 19.56 -5.91 -2.58
N PRO A 226 20.79 -5.79 -2.10
CA PRO A 226 21.74 -4.80 -2.62
C PRO A 226 22.23 -5.19 -4.00
N GLY A 227 23.08 -4.36 -4.59
CA GLY A 227 23.60 -4.66 -5.91
C GLY A 227 22.57 -4.51 -7.01
N ARG A 228 22.77 -5.24 -8.12
CA ARG A 228 21.87 -5.17 -9.25
C ARG A 228 20.66 -6.09 -9.09
N CYS A 229 19.46 -5.53 -9.21
CA CYS A 229 18.23 -6.29 -9.08
C CYS A 229 17.46 -6.32 -10.40
N ASP A 230 17.65 -7.37 -11.18
CA ASP A 230 16.96 -7.51 -12.46
C ASP A 230 15.49 -7.74 -12.15
N ASP A 231 15.20 -7.75 -10.85
CA ASP A 231 13.87 -7.96 -10.32
C ASP A 231 13.08 -6.63 -10.38
N ILE A 232 13.75 -5.54 -10.06
CA ILE A 232 13.17 -4.20 -10.05
C ILE A 232 13.28 -3.54 -11.42
N LEU A 233 12.14 -3.25 -12.02
CA LEU A 233 12.11 -2.69 -13.36
C LEU A 233 11.68 -1.23 -13.41
N LYS A 234 12.55 -0.38 -13.95
CA LYS A 234 12.21 1.03 -14.08
C LYS A 234 11.81 1.24 -15.53
N TRP A 235 10.73 1.98 -15.74
CA TRP A 235 10.24 2.23 -17.09
C TRP A 235 10.40 3.68 -17.49
N LYS A 236 10.83 3.92 -18.72
CA LYS A 236 11.02 5.27 -19.21
C LYS A 236 10.63 5.30 -20.68
N PRO A 237 9.78 6.27 -21.07
CA PRO A 237 9.32 6.41 -22.45
C PRO A 237 10.42 6.19 -23.48
N PRO A 238 10.11 5.49 -24.58
CA PRO A 238 11.10 5.21 -25.62
C PRO A 238 11.89 6.47 -25.99
N SER A 239 11.19 7.60 -26.02
CA SER A 239 11.81 8.88 -26.32
C SER A 239 12.34 9.46 -25.01
N LEU A 240 13.34 10.35 -25.11
CA LEU A 240 13.94 10.94 -23.91
C LEU A 240 14.65 9.83 -23.14
N ASN A 241 14.76 8.67 -23.77
CA ASN A 241 15.41 7.51 -23.18
C ASN A 241 16.92 7.62 -23.37
N SER A 242 17.64 7.90 -22.28
CA SER A 242 19.09 8.03 -22.34
C SER A 242 19.75 6.69 -22.65
N ALA A 314 27.81 3.65 -17.61
CA ALA A 314 28.71 2.58 -18.02
C ALA A 314 28.30 2.02 -19.39
N TYR A 315 29.23 1.35 -20.05
CA TYR A 315 28.98 0.75 -21.36
C TYR A 315 28.04 -0.45 -21.30
N ASN A 316 28.29 -1.33 -20.35
CA ASN A 316 27.46 -2.52 -20.16
C ASN A 316 26.06 -2.06 -19.74
N THR A 317 26.02 -1.06 -18.86
CA THR A 317 24.76 -0.51 -18.38
C THR A 317 24.00 0.16 -19.52
N ALA A 318 24.70 1.00 -20.28
CA ALA A 318 24.10 1.70 -21.41
C ALA A 318 23.81 0.73 -22.54
N MET A 319 24.46 -0.43 -22.52
CA MET A 319 24.27 -1.45 -23.55
C MET A 319 22.83 -1.95 -23.48
N ALA A 320 22.27 -1.99 -22.27
CA ALA A 320 20.91 -2.43 -22.07
C ALA A 320 19.96 -1.27 -22.35
N VAL A 321 20.53 -0.12 -22.67
CA VAL A 321 19.76 1.07 -22.99
C VAL A 321 19.76 1.29 -24.50
N CYS A 322 20.74 0.70 -25.17
CA CYS A 322 20.87 0.83 -26.61
C CYS A 322 19.98 -0.20 -27.30
N ASN A 323 20.18 -1.47 -26.94
CA ASN A 323 19.39 -2.55 -27.52
C ASN A 323 17.95 -2.38 -27.10
N SER A 324 17.72 -1.53 -26.12
CA SER A 324 16.38 -1.25 -25.61
C SER A 324 15.67 -0.29 -26.54
N ILE A 325 16.44 0.36 -27.41
CA ILE A 325 15.90 1.31 -28.37
C ILE A 325 15.40 0.60 -29.62
N SER A 326 15.98 -0.57 -29.91
CA SER A 326 15.58 -1.35 -31.07
C SER A 326 14.19 -1.93 -30.85
N ASN A 327 14.00 -2.60 -29.70
CA ASN A 327 12.72 -3.19 -29.34
C ASN A 327 12.24 -2.60 -28.02
N PRO A 328 11.81 -1.32 -28.04
CA PRO A 328 11.33 -0.60 -26.86
C PRO A 328 9.92 -1.01 -26.42
N VAL A 329 9.64 -0.81 -25.13
CA VAL A 329 8.33 -1.14 -24.58
C VAL A 329 7.50 0.13 -24.59
N THR A 330 6.57 0.22 -25.54
CA THR A 330 5.71 1.38 -25.66
C THR A 330 4.76 1.43 -24.47
N LYS A 331 4.32 2.63 -24.13
CA LYS A 331 3.40 2.83 -23.01
C LYS A 331 2.13 1.99 -23.23
N GLU A 332 1.92 1.57 -24.46
CA GLU A 332 0.74 0.77 -24.82
C GLU A 332 1.02 -0.70 -24.51
N MET A 333 2.20 -1.16 -24.93
CA MET A 333 2.63 -2.53 -24.71
C MET A 333 2.56 -2.83 -23.22
N LEU A 334 3.02 -1.87 -22.42
CA LEU A 334 3.01 -1.97 -20.97
C LEU A 334 1.60 -2.10 -20.42
N PHE A 335 0.81 -1.04 -20.60
CA PHE A 335 -0.57 -1.02 -20.12
C PHE A 335 -1.36 -2.24 -20.58
N GLU A 336 -1.22 -2.57 -21.86
CA GLU A 336 -1.93 -3.73 -22.41
C GLU A 336 -1.51 -4.99 -21.66
N PHE A 337 -0.21 -5.11 -21.40
CA PHE A 337 0.30 -6.28 -20.70
C PHE A 337 -0.29 -6.36 -19.30
N ILE A 338 -0.18 -5.28 -18.55
CA ILE A 338 -0.71 -5.24 -17.19
C ILE A 338 -2.22 -5.53 -17.15
N ASP A 339 -2.94 -5.06 -18.15
CA ASP A 339 -4.37 -5.29 -18.22
C ASP A 339 -4.68 -6.76 -18.46
N ARG A 340 -3.83 -7.41 -19.24
CA ARG A 340 -4.00 -8.84 -19.52
C ARG A 340 -3.81 -9.60 -18.21
N CYS A 341 -2.72 -9.30 -17.52
CA CYS A 341 -2.39 -9.95 -16.25
C CYS A 341 -3.43 -9.71 -15.16
N ALA A 342 -3.85 -8.45 -15.02
CA ALA A 342 -4.83 -8.04 -14.02
C ALA A 342 -5.89 -9.09 -13.73
N ALA A 343 -6.18 -9.29 -12.45
CA ALA A 343 -7.18 -10.28 -12.03
C ALA A 343 -8.60 -9.79 -12.34
N SER B 1 -36.19 -13.11 7.10
CA SER B 1 -37.35 -13.38 6.20
C SER B 1 -36.88 -13.62 4.77
N LEU B 2 -36.70 -14.89 4.41
CA LEU B 2 -36.26 -15.25 3.07
C LEU B 2 -36.90 -14.36 2.03
N LYS B 3 -36.08 -13.49 1.42
CA LYS B 3 -36.57 -12.58 0.39
C LYS B 3 -36.61 -13.30 -0.94
N LEU B 4 -37.81 -13.56 -1.44
CA LEU B 4 -37.96 -14.25 -2.71
C LEU B 4 -37.69 -13.32 -3.89
N GLY B 5 -36.73 -13.70 -4.74
CA GLY B 5 -36.40 -12.90 -5.89
C GLY B 5 -35.19 -12.01 -5.67
N ALA B 6 -34.41 -12.33 -4.65
CA ALA B 6 -33.22 -11.55 -4.34
C ALA B 6 -32.43 -11.36 -5.63
N ILE B 7 -31.91 -10.16 -5.82
CA ILE B 7 -31.13 -9.86 -7.03
C ILE B 7 -29.67 -9.61 -6.66
N PHE B 8 -28.77 -10.45 -7.16
CA PHE B 8 -27.36 -10.31 -6.86
C PHE B 8 -26.77 -8.95 -7.26
N LEU B 9 -26.72 -8.68 -8.55
CA LEU B 9 -26.21 -7.40 -9.02
C LEU B 9 -27.23 -6.65 -9.85
N GLU B 10 -27.57 -5.46 -9.37
CA GLU B 10 -28.55 -4.62 -10.06
C GLU B 10 -28.10 -4.32 -11.48
N GLY B 11 -28.86 -4.80 -12.46
CA GLY B 11 -28.51 -4.55 -13.83
C GLY B 11 -28.02 -5.79 -14.56
N ILE B 12 -26.71 -5.91 -14.71
CA ILE B 12 -26.12 -7.05 -15.40
C ILE B 12 -26.48 -8.40 -14.78
N THR B 13 -26.43 -9.44 -15.61
CA THR B 13 -26.73 -10.80 -15.17
C THR B 13 -25.43 -11.58 -15.03
N VAL B 14 -25.21 -12.13 -13.84
CA VAL B 14 -24.01 -12.90 -13.58
C VAL B 14 -24.32 -14.37 -13.39
N LYS B 15 -24.27 -15.15 -14.47
CA LYS B 15 -24.54 -16.57 -14.36
C LYS B 15 -23.38 -17.18 -13.57
N GLY B 16 -23.72 -18.05 -12.63
CA GLY B 16 -22.70 -18.67 -11.80
C GLY B 16 -22.90 -18.23 -10.37
N VAL B 17 -23.92 -17.39 -10.16
CA VAL B 17 -24.25 -16.87 -8.84
C VAL B 17 -25.75 -16.92 -8.63
N THR B 18 -26.21 -17.88 -7.85
CA THR B 18 -27.63 -18.03 -7.58
C THR B 18 -27.92 -17.87 -6.10
N GLN B 19 -29.13 -17.47 -5.78
CA GLN B 19 -29.54 -17.31 -4.40
C GLN B 19 -29.77 -18.68 -3.78
N VAL B 20 -29.41 -18.84 -2.51
CA VAL B 20 -29.58 -20.11 -1.81
C VAL B 20 -30.87 -20.06 -0.97
N THR B 21 -31.95 -20.56 -1.54
CA THR B 21 -33.23 -20.54 -0.86
C THR B 21 -33.57 -21.83 -0.12
N THR B 22 -32.65 -22.79 -0.14
CA THR B 22 -32.88 -24.07 0.52
C THR B 22 -32.32 -24.20 1.92
N GLN B 23 -32.94 -25.08 2.71
CA GLN B 23 -32.50 -25.34 4.07
C GLN B 23 -31.94 -26.77 4.08
N PRO B 24 -30.99 -27.06 4.99
CA PRO B 24 -30.39 -26.21 6.02
C PRO B 24 -29.23 -25.31 5.55
N LYS B 25 -28.86 -25.41 4.27
CA LYS B 25 -27.76 -24.61 3.75
C LYS B 25 -27.94 -23.10 3.96
N LEU B 26 -29.16 -22.61 3.84
CA LEU B 26 -29.42 -21.19 4.04
C LEU B 26 -29.16 -20.80 5.49
N GLY B 27 -29.67 -21.61 6.41
CA GLY B 27 -29.48 -21.34 7.82
C GLY B 27 -28.06 -21.58 8.26
N GLU B 28 -27.40 -22.55 7.63
CA GLU B 28 -26.02 -22.87 7.98
C GLU B 28 -25.06 -21.72 7.70
N VAL B 29 -25.13 -21.16 6.49
CA VAL B 29 -24.26 -20.06 6.11
C VAL B 29 -24.51 -18.84 6.99
N GLN B 30 -25.78 -18.49 7.19
CA GLN B 30 -26.13 -17.34 8.00
C GLN B 30 -25.58 -17.45 9.41
N GLN B 31 -25.76 -18.62 10.01
CA GLN B 31 -25.28 -18.87 11.37
C GLN B 31 -23.76 -18.70 11.45
N LYS B 32 -23.03 -19.38 10.57
CA LYS B 32 -21.57 -19.30 10.55
C LYS B 32 -21.04 -17.88 10.45
N CYS B 33 -21.69 -17.04 9.66
CA CYS B 33 -21.25 -15.65 9.52
C CYS B 33 -21.52 -14.89 10.80
N HIS B 34 -22.50 -15.36 11.58
CA HIS B 34 -22.84 -14.73 12.84
C HIS B 34 -21.83 -15.09 13.90
N GLN B 35 -21.51 -16.38 13.99
CA GLN B 35 -20.55 -16.84 14.97
C GLN B 35 -19.18 -16.20 14.71
N PHE B 36 -18.87 -15.93 13.45
CA PHE B 36 -17.59 -15.32 13.10
C PHE B 36 -17.55 -13.84 13.49
N CYS B 37 -18.72 -13.26 13.75
CA CYS B 37 -18.79 -11.86 14.12
C CYS B 37 -19.34 -11.65 15.53
N GLY B 38 -19.56 -12.76 16.24
CA GLY B 38 -20.11 -12.66 17.59
C GLY B 38 -21.35 -11.80 17.57
N TRP B 39 -22.22 -12.07 16.61
CA TRP B 39 -23.44 -11.30 16.45
C TRP B 39 -24.66 -11.87 17.17
N GLU B 40 -25.29 -11.04 17.99
CA GLU B 40 -26.49 -11.46 18.73
C GLU B 40 -27.72 -11.27 17.85
N GLY B 41 -27.65 -10.30 16.95
CA GLY B 41 -28.78 -10.03 16.05
C GLY B 41 -29.21 -11.22 15.21
N SER B 42 -30.14 -10.98 14.29
CA SER B 42 -30.65 -12.03 13.42
C SER B 42 -30.50 -11.69 11.94
N GLY B 43 -29.81 -10.59 11.65
CA GLY B 43 -29.63 -10.20 10.27
C GLY B 43 -28.17 -10.07 9.85
N PHE B 44 -27.92 -9.15 8.92
CA PHE B 44 -26.57 -8.90 8.42
C PHE B 44 -25.71 -8.43 9.59
N PRO B 45 -24.65 -9.18 9.92
CA PRO B 45 -23.76 -8.82 11.03
C PRO B 45 -22.65 -7.88 10.62
N GLY B 46 -22.74 -7.32 9.41
CA GLY B 46 -21.70 -6.43 8.93
C GLY B 46 -21.46 -5.18 9.75
N ALA B 47 -20.28 -4.60 9.55
CA ALA B 47 -19.89 -3.38 10.25
C ALA B 47 -20.52 -2.19 9.51
N GLN B 48 -21.28 -1.39 10.25
CA GLN B 48 -21.93 -0.23 9.65
C GLN B 48 -21.21 1.07 9.99
N PRO B 49 -20.66 1.74 8.95
CA PRO B 49 -19.94 3.01 9.13
C PRO B 49 -20.92 4.15 9.39
N VAL B 50 -20.48 5.19 10.09
CA VAL B 50 -21.33 6.34 10.39
C VAL B 50 -20.95 7.56 9.56
N SER B 51 -21.84 8.56 9.53
CA SER B 51 -21.59 9.78 8.77
C SER B 51 -20.52 10.63 9.44
N MET B 52 -19.80 11.44 8.66
CA MET B 52 -18.77 12.29 9.23
C MET B 52 -19.28 13.69 9.51
N ASP B 53 -19.25 14.10 10.77
CA ASP B 53 -19.69 15.44 11.17
C ASP B 53 -18.58 16.16 11.89
N LYS B 54 -18.79 17.45 12.15
CA LYS B 54 -17.80 18.29 12.82
C LYS B 54 -17.34 17.76 14.18
N GLN B 55 -17.99 16.71 14.67
CA GLN B 55 -17.62 16.15 15.96
C GLN B 55 -16.61 15.01 15.87
N ASN B 56 -16.92 14.00 15.06
CA ASN B 56 -16.04 12.85 14.90
C ASN B 56 -14.82 13.08 14.01
N ILE B 57 -14.89 14.06 13.12
CA ILE B 57 -13.76 14.34 12.24
C ILE B 57 -12.48 14.53 13.06
N ARG B 58 -12.65 14.86 14.34
CA ARG B 58 -11.53 15.08 15.24
C ARG B 58 -10.74 13.79 15.49
N LEU B 59 -11.40 12.65 15.33
CA LEU B 59 -10.76 11.36 15.53
C LEU B 59 -9.63 11.16 14.51
N LEU B 60 -9.67 11.93 13.43
CA LEU B 60 -8.67 11.83 12.37
C LEU B 60 -7.26 12.23 12.78
N GLU B 61 -7.12 12.80 13.97
CA GLU B 61 -5.81 13.22 14.46
C GLU B 61 -5.54 12.69 15.86
N GLN B 62 -6.37 11.77 16.31
CA GLN B 62 -6.23 11.18 17.64
C GLN B 62 -5.66 9.78 17.54
N LYS B 63 -5.55 9.27 16.31
CA LYS B 63 -5.01 7.94 16.09
C LYS B 63 -4.92 7.61 14.60
N PRO B 64 -4.16 6.56 14.24
CA PRO B 64 -3.97 6.12 12.85
C PRO B 64 -5.27 5.93 12.08
N TYR B 65 -5.24 6.26 10.79
CA TYR B 65 -6.40 6.11 9.93
C TYR B 65 -5.94 5.92 8.49
N LYS B 66 -6.67 5.10 7.75
CA LYS B 66 -6.36 4.86 6.35
C LYS B 66 -7.60 5.36 5.62
N VAL B 67 -7.51 5.49 4.30
CA VAL B 67 -8.66 5.98 3.55
C VAL B 67 -8.72 5.40 2.14
N SER B 68 -9.95 5.28 1.63
CA SER B 68 -10.17 4.76 0.29
C SER B 68 -11.39 5.45 -0.31
N TRP B 69 -11.63 5.21 -1.59
CA TRP B 69 -12.76 5.81 -2.27
C TRP B 69 -14.02 4.99 -2.07
N LYS B 70 -15.16 5.68 -2.03
CA LYS B 70 -16.45 5.03 -1.86
C LYS B 70 -17.12 5.01 -3.23
N ALA B 71 -17.83 3.93 -3.55
CA ALA B 71 -18.50 3.84 -4.84
C ALA B 71 -19.95 3.42 -4.71
N ASP B 72 -20.62 3.30 -5.85
CA ASP B 72 -22.03 2.91 -5.90
C ASP B 72 -22.15 1.40 -5.75
N GLY B 73 -21.15 0.79 -5.12
CA GLY B 73 -21.16 -0.66 -4.94
C GLY B 73 -22.21 -1.20 -3.99
N THR B 74 -22.35 -2.52 -3.98
CA THR B 74 -23.32 -3.19 -3.13
C THR B 74 -22.61 -4.04 -2.06
N ARG B 75 -22.99 -3.85 -0.80
CA ARG B 75 -22.39 -4.57 0.33
C ARG B 75 -22.61 -6.08 0.23
N TYR B 76 -21.54 -6.84 0.44
CA TYR B 76 -21.59 -8.29 0.37
C TYR B 76 -20.49 -8.97 1.17
N MET B 77 -20.87 -9.74 2.20
CA MET B 77 -19.85 -10.46 2.95
C MET B 77 -19.63 -11.77 2.18
N MET B 78 -18.37 -12.22 2.09
CA MET B 78 -18.10 -13.45 1.38
C MET B 78 -17.64 -14.56 2.35
N LEU B 79 -18.35 -15.67 2.33
CA LEU B 79 -18.00 -16.80 3.18
C LEU B 79 -17.33 -17.87 2.33
N ILE B 80 -16.04 -18.10 2.56
CA ILE B 80 -15.30 -19.09 1.82
C ILE B 80 -15.11 -20.27 2.77
N ASP B 81 -15.89 -21.32 2.56
CA ASP B 81 -15.83 -22.48 3.44
C ASP B 81 -15.53 -23.78 2.71
N GLY B 82 -14.49 -23.78 1.87
CA GLY B 82 -14.14 -24.98 1.15
C GLY B 82 -14.58 -25.00 -0.31
N THR B 83 -14.04 -25.95 -1.07
CA THR B 83 -14.36 -26.09 -2.49
C THR B 83 -15.85 -26.02 -2.78
N ASN B 84 -16.21 -25.14 -3.71
CA ASN B 84 -17.59 -24.96 -4.14
C ASN B 84 -18.48 -24.53 -2.99
N GLU B 85 -17.88 -23.91 -1.98
CA GLU B 85 -18.63 -23.43 -0.81
C GLU B 85 -18.33 -21.96 -0.56
N VAL B 86 -18.54 -21.14 -1.60
CA VAL B 86 -18.32 -19.71 -1.54
C VAL B 86 -19.69 -19.05 -1.61
N PHE B 87 -19.97 -18.17 -0.65
CA PHE B 87 -21.27 -17.49 -0.59
C PHE B 87 -21.19 -15.98 -0.37
N MET B 88 -22.19 -15.27 -0.90
CA MET B 88 -22.27 -13.82 -0.76
C MET B 88 -23.48 -13.54 0.11
N ILE B 89 -23.32 -12.70 1.13
CA ILE B 89 -24.42 -12.33 2.02
C ILE B 89 -24.59 -10.82 1.96
N ASP B 90 -25.79 -10.37 1.56
CA ASP B 90 -26.05 -8.93 1.43
C ASP B 90 -26.70 -8.32 2.68
N ARG B 91 -27.14 -7.06 2.55
CA ARG B 91 -27.75 -6.34 3.66
C ARG B 91 -28.96 -7.04 4.23
N ASP B 92 -29.84 -7.48 3.34
CA ASP B 92 -31.07 -8.17 3.73
C ASP B 92 -30.76 -9.54 4.32
N ASN B 93 -29.48 -9.89 4.35
CA ASN B 93 -29.02 -11.18 4.87
C ASN B 93 -29.43 -12.32 3.95
N SER B 94 -29.49 -12.01 2.64
CA SER B 94 -29.82 -13.01 1.64
C SER B 94 -28.50 -13.71 1.34
N VAL B 95 -28.56 -14.95 0.88
CA VAL B 95 -27.36 -15.72 0.56
C VAL B 95 -27.29 -16.07 -0.93
N PHE B 96 -26.07 -16.08 -1.46
CA PHE B 96 -25.87 -16.43 -2.88
C PHE B 96 -24.73 -17.42 -3.03
N HIS B 97 -24.96 -18.45 -3.83
CA HIS B 97 -23.94 -19.45 -4.08
C HIS B 97 -23.14 -19.09 -5.32
N VAL B 98 -21.84 -18.89 -5.14
CA VAL B 98 -20.94 -18.56 -6.23
C VAL B 98 -20.26 -19.84 -6.73
N SER B 99 -20.36 -20.09 -8.03
CA SER B 99 -19.77 -21.27 -8.65
C SER B 99 -18.51 -21.00 -9.48
N ASN B 100 -17.49 -21.82 -9.27
CA ASN B 100 -16.23 -21.71 -10.00
C ASN B 100 -15.33 -20.53 -9.63
N LEU B 101 -15.29 -20.20 -8.34
CA LEU B 101 -14.44 -19.12 -7.86
C LEU B 101 -13.53 -19.76 -6.83
N GLU B 102 -12.39 -20.28 -7.28
CA GLU B 102 -11.44 -20.96 -6.41
C GLU B 102 -10.61 -20.05 -5.51
N PHE B 103 -10.37 -20.53 -4.28
CA PHE B 103 -9.58 -19.80 -3.29
C PHE B 103 -8.55 -20.75 -2.69
N PRO B 104 -7.35 -20.80 -3.30
CA PRO B 104 -6.22 -21.65 -2.89
C PRO B 104 -5.60 -21.28 -1.56
N PHE B 105 -4.98 -22.27 -0.92
CA PHE B 105 -4.31 -22.09 0.36
C PHE B 105 -2.84 -21.81 0.07
N ARG B 106 -2.33 -20.69 0.58
CA ARG B 106 -0.95 -20.31 0.36
C ARG B 106 0.06 -21.44 0.57
N LYS B 107 -0.05 -22.14 1.70
CA LYS B 107 0.87 -23.24 2.01
C LYS B 107 0.69 -24.48 1.14
N ASP B 108 -0.55 -24.78 0.75
CA ASP B 108 -0.84 -25.92 -0.12
C ASP B 108 -1.89 -25.49 -1.13
N LEU B 109 -1.45 -25.11 -2.33
CA LEU B 109 -2.34 -24.64 -3.38
C LEU B 109 -3.36 -25.67 -3.86
N ARG B 110 -3.21 -26.91 -3.43
CA ARG B 110 -4.16 -27.94 -3.82
C ARG B 110 -5.41 -27.77 -2.97
N MET B 111 -5.20 -27.44 -1.70
CA MET B 111 -6.29 -27.24 -0.76
C MET B 111 -7.06 -25.94 -0.98
N HIS B 112 -8.34 -25.95 -0.62
CA HIS B 112 -9.20 -24.80 -0.78
C HIS B 112 -9.51 -24.22 0.60
N LEU B 113 -9.34 -22.90 0.73
CA LEU B 113 -9.58 -22.21 1.99
C LEU B 113 -10.99 -22.46 2.55
N SER B 114 -11.06 -22.56 3.87
CA SER B 114 -12.32 -22.78 4.54
C SER B 114 -12.34 -21.95 5.82
N ASN B 115 -13.52 -21.82 6.42
CA ASN B 115 -13.68 -21.02 7.63
C ASN B 115 -13.06 -19.65 7.47
N THR B 116 -13.27 -19.06 6.29
CA THR B 116 -12.76 -17.72 6.01
C THR B 116 -13.96 -16.83 5.72
N LEU B 117 -13.93 -15.63 6.28
CA LEU B 117 -15.02 -14.68 6.07
C LEU B 117 -14.43 -13.35 5.60
N LEU B 118 -14.97 -12.82 4.53
CA LEU B 118 -14.50 -11.55 3.98
C LEU B 118 -15.65 -10.56 3.92
N ASP B 119 -15.30 -9.27 3.94
CA ASP B 119 -16.30 -8.21 3.88
C ASP B 119 -15.88 -7.24 2.80
N GLY B 120 -16.82 -6.83 1.97
CA GLY B 120 -16.50 -5.90 0.89
C GLY B 120 -17.73 -5.50 0.12
N GLU B 121 -17.56 -5.13 -1.13
CA GLU B 121 -18.69 -4.72 -1.95
C GLU B 121 -18.60 -5.30 -3.35
N MET B 122 -19.74 -5.34 -4.01
CA MET B 122 -19.83 -5.85 -5.37
C MET B 122 -20.01 -4.60 -6.23
N ILE B 123 -19.28 -4.53 -7.33
CA ILE B 123 -19.39 -3.36 -8.20
C ILE B 123 -19.31 -3.69 -9.68
N ILE B 124 -20.10 -2.99 -10.48
CA ILE B 124 -20.07 -3.18 -11.92
C ILE B 124 -19.00 -2.21 -12.40
N ASP B 125 -18.20 -2.63 -13.37
CA ASP B 125 -17.13 -1.77 -13.86
C ASP B 125 -17.03 -1.81 -15.37
N LYS B 126 -17.03 -0.64 -16.00
CA LYS B 126 -16.94 -0.56 -17.45
C LYS B 126 -15.49 -0.64 -17.92
N VAL B 127 -15.25 -1.55 -18.86
CA VAL B 127 -13.93 -1.76 -19.42
C VAL B 127 -14.10 -1.97 -20.92
N ASN B 128 -13.68 -0.98 -21.71
CA ASN B 128 -13.78 -1.03 -23.15
C ASN B 128 -15.24 -1.13 -23.58
N GLY B 129 -16.14 -0.61 -22.75
CA GLY B 129 -17.56 -0.63 -23.07
C GLY B 129 -18.35 -1.73 -22.39
N GLN B 130 -17.78 -2.92 -22.30
CA GLN B 130 -18.45 -4.05 -21.67
C GLN B 130 -18.47 -3.89 -20.14
N ALA B 131 -19.51 -4.44 -19.50
CA ALA B 131 -19.64 -4.36 -18.05
C ALA B 131 -18.86 -5.50 -17.40
N VAL B 132 -18.10 -5.18 -16.36
CA VAL B 132 -17.32 -6.18 -15.66
C VAL B 132 -17.52 -6.12 -14.16
N PRO B 133 -18.25 -7.09 -13.59
CA PRO B 133 -18.50 -7.10 -12.15
C PRO B 133 -17.22 -7.45 -11.37
N ARG B 134 -17.00 -6.74 -10.26
CA ARG B 134 -15.82 -6.97 -9.44
C ARG B 134 -16.16 -6.93 -7.95
N TYR B 135 -15.57 -7.83 -7.19
CA TYR B 135 -15.77 -7.85 -5.76
C TYR B 135 -14.54 -7.25 -5.12
N LEU B 136 -14.71 -6.17 -4.38
CA LEU B 136 -13.57 -5.53 -3.73
C LEU B 136 -13.51 -5.95 -2.26
N ILE B 137 -12.41 -6.59 -1.88
CA ILE B 137 -12.25 -7.04 -0.52
C ILE B 137 -11.75 -5.91 0.38
N TYR B 138 -12.64 -5.39 1.22
CA TYR B 138 -12.32 -4.31 2.13
C TYR B 138 -11.62 -4.82 3.38
N ASP B 139 -12.20 -5.83 3.99
CA ASP B 139 -11.65 -6.38 5.22
C ASP B 139 -11.82 -7.89 5.26
N ILE B 140 -11.40 -8.50 6.36
CA ILE B 140 -11.51 -9.93 6.55
C ILE B 140 -11.77 -10.20 8.03
N ILE B 141 -12.86 -10.90 8.31
CA ILE B 141 -13.22 -11.22 9.69
C ILE B 141 -12.48 -12.43 10.25
N LYS B 142 -12.36 -13.49 9.45
CA LYS B 142 -11.69 -14.70 9.91
C LYS B 142 -11.01 -15.45 8.77
N PHE B 143 -9.83 -15.99 9.06
CA PHE B 143 -9.06 -16.75 8.07
C PHE B 143 -8.74 -18.14 8.62
N ASN B 144 -9.03 -19.17 7.83
CA ASN B 144 -8.79 -20.55 8.26
C ASN B 144 -9.08 -20.76 9.74
N ALA B 145 -10.27 -20.33 10.16
CA ALA B 145 -10.70 -20.45 11.55
C ALA B 145 -10.01 -19.45 12.48
N GLN B 146 -8.89 -18.88 12.04
CA GLN B 146 -8.15 -17.91 12.83
C GLN B 146 -8.82 -16.53 12.84
N PRO B 147 -8.96 -15.93 14.03
CA PRO B 147 -9.59 -14.62 14.21
C PRO B 147 -8.78 -13.43 13.71
N VAL B 148 -8.34 -13.49 12.45
CA VAL B 148 -7.55 -12.40 11.89
C VAL B 148 -8.25 -11.05 12.06
N GLY B 149 -9.57 -11.10 12.23
CA GLY B 149 -10.33 -9.88 12.42
C GLY B 149 -10.04 -9.17 13.71
N ASP B 150 -9.46 -9.87 14.68
CA ASP B 150 -9.12 -9.25 15.95
C ASP B 150 -7.72 -8.64 15.90
N CYS B 151 -7.14 -8.62 14.71
CA CYS B 151 -5.81 -8.07 14.52
C CYS B 151 -5.91 -6.62 14.06
N ASP B 152 -4.76 -5.95 14.04
CA ASP B 152 -4.68 -4.56 13.61
C ASP B 152 -5.14 -4.53 12.15
N PHE B 153 -5.81 -3.47 11.74
CA PHE B 153 -6.30 -3.37 10.37
C PHE B 153 -5.20 -3.60 9.32
N ASN B 154 -3.99 -3.13 9.62
CA ASN B 154 -2.90 -3.31 8.69
C ASN B 154 -2.63 -4.80 8.46
N ILE B 155 -2.61 -5.57 9.56
CA ILE B 155 -2.37 -7.01 9.48
C ILE B 155 -3.44 -7.71 8.63
N ARG B 156 -4.65 -7.16 8.64
CA ARG B 156 -5.74 -7.73 7.85
C ARG B 156 -5.56 -7.41 6.38
N LEU B 157 -5.01 -6.22 6.09
CA LEU B 157 -4.77 -5.82 4.71
C LEU B 157 -3.66 -6.70 4.12
N GLN B 158 -2.72 -7.09 4.97
CA GLN B 158 -1.62 -7.95 4.55
C GLN B 158 -2.14 -9.37 4.40
N CYS B 159 -3.08 -9.73 5.26
CA CYS B 159 -3.66 -11.06 5.22
C CYS B 159 -4.39 -11.23 3.88
N ILE B 160 -5.24 -10.27 3.54
CA ILE B 160 -5.98 -10.33 2.29
C ILE B 160 -5.02 -10.47 1.11
N GLU B 161 -3.86 -9.84 1.25
CA GLU B 161 -2.84 -9.85 0.21
C GLU B 161 -2.11 -11.18 0.09
N ARG B 162 -1.43 -11.54 1.18
CA ARG B 162 -0.64 -12.76 1.26
C ARG B 162 -1.45 -14.05 1.33
N GLU B 163 -2.67 -13.96 1.85
CA GLU B 163 -3.52 -15.15 1.99
C GLU B 163 -4.65 -15.32 0.98
N ILE B 164 -5.25 -14.23 0.52
CA ILE B 164 -6.35 -14.34 -0.44
C ILE B 164 -6.01 -14.01 -1.87
N ILE B 165 -5.32 -12.91 -2.10
CA ILE B 165 -4.99 -12.52 -3.47
C ILE B 165 -3.82 -13.27 -4.11
N SER B 166 -2.72 -13.43 -3.38
CA SER B 166 -1.55 -14.11 -3.93
C SER B 166 -1.87 -15.50 -4.46
N PRO B 167 -2.33 -16.42 -3.59
CA PRO B 167 -2.64 -17.77 -4.06
C PRO B 167 -3.43 -17.79 -5.36
N ARG B 168 -4.38 -16.89 -5.51
CA ARG B 168 -5.17 -16.85 -6.74
C ARG B 168 -4.31 -16.32 -7.88
N HIS B 169 -3.50 -15.31 -7.60
CA HIS B 169 -2.62 -14.72 -8.61
C HIS B 169 -1.63 -15.75 -9.10
N GLU B 170 -1.20 -16.62 -8.19
CA GLU B 170 -0.24 -17.66 -8.53
C GLU B 170 -0.85 -18.74 -9.42
N LYS B 171 -2.12 -19.06 -9.18
CA LYS B 171 -2.81 -20.08 -9.98
C LYS B 171 -3.39 -19.55 -11.28
N MET B 172 -3.31 -18.24 -11.50
CA MET B 172 -3.82 -17.67 -12.74
C MET B 172 -2.67 -17.64 -13.75
N LYS B 173 -1.49 -17.30 -13.25
CA LYS B 173 -0.30 -17.26 -14.10
C LYS B 173 -0.12 -18.68 -14.62
N THR B 174 0.02 -19.60 -13.67
CA THR B 174 0.18 -21.03 -13.93
C THR B 174 -0.81 -21.52 -14.97
N GLY B 175 -2.03 -21.02 -14.91
CA GLY B 175 -3.05 -21.43 -15.85
C GLY B 175 -4.13 -22.28 -15.24
N LEU B 176 -3.85 -22.84 -14.06
CA LEU B 176 -4.82 -23.67 -13.37
C LEU B 176 -6.09 -22.89 -13.02
N ILE B 177 -6.04 -21.57 -13.21
CA ILE B 177 -7.20 -20.73 -12.97
C ILE B 177 -7.40 -19.85 -14.19
N ASP B 178 -8.58 -19.96 -14.81
CA ASP B 178 -8.93 -19.20 -16.00
C ASP B 178 -9.94 -18.11 -15.67
N LYS B 179 -9.44 -16.97 -15.21
CA LYS B 179 -10.29 -15.84 -14.83
C LYS B 179 -11.47 -15.60 -15.78
N THR B 180 -11.25 -15.84 -17.07
CA THR B 180 -12.30 -15.65 -18.06
C THR B 180 -13.51 -16.52 -17.80
N GLN B 181 -13.29 -17.65 -17.11
CA GLN B 181 -14.38 -18.57 -16.82
C GLN B 181 -14.97 -18.39 -15.43
N GLU B 182 -14.38 -17.50 -14.65
CA GLU B 182 -14.87 -17.25 -13.29
C GLU B 182 -16.07 -16.33 -13.31
N PRO B 183 -16.93 -16.44 -12.30
CA PRO B 183 -18.15 -15.63 -12.17
C PRO B 183 -17.86 -14.13 -12.34
N PHE B 184 -16.92 -13.63 -11.52
CA PHE B 184 -16.57 -12.23 -11.58
C PHE B 184 -15.14 -12.00 -11.11
N SER B 185 -14.71 -10.74 -11.07
CA SER B 185 -13.36 -10.40 -10.66
C SER B 185 -13.22 -10.19 -9.16
N VAL B 186 -12.07 -10.60 -8.62
CA VAL B 186 -11.78 -10.45 -7.19
C VAL B 186 -10.48 -9.68 -7.01
N ARG B 187 -10.60 -8.42 -6.61
CA ARG B 187 -9.43 -7.58 -6.41
C ARG B 187 -9.47 -6.97 -5.02
N PRO B 188 -8.31 -6.77 -4.39
CA PRO B 188 -8.30 -6.19 -3.06
C PRO B 188 -8.60 -4.69 -3.14
N LYS B 189 -9.33 -4.18 -2.17
CA LYS B 189 -9.68 -2.76 -2.12
C LYS B 189 -8.39 -1.99 -1.84
N GLN B 190 -8.28 -0.78 -2.39
CA GLN B 190 -7.08 0.01 -2.18
C GLN B 190 -7.22 1.06 -1.08
N PHE B 191 -6.34 0.97 -0.08
CA PHE B 191 -6.33 1.90 1.05
C PHE B 191 -5.07 2.73 1.02
N PHE B 192 -5.19 4.00 1.41
CA PHE B 192 -4.04 4.88 1.45
C PHE B 192 -4.06 5.60 2.78
N ASP B 193 -3.14 6.54 2.96
CA ASP B 193 -3.08 7.33 4.18
C ASP B 193 -3.83 8.62 3.97
N ILE B 194 -4.68 8.95 4.94
CA ILE B 194 -5.50 10.15 4.92
C ILE B 194 -4.91 11.36 4.19
N ASN B 195 -3.59 11.51 4.25
CA ASN B 195 -2.91 12.65 3.61
C ASN B 195 -2.95 12.61 2.08
N ILE B 196 -3.63 11.63 1.51
CA ILE B 196 -3.72 11.49 0.07
C ILE B 196 -5.15 11.70 -0.42
N SER B 197 -6.06 11.92 0.52
CA SER B 197 -7.47 12.12 0.21
C SER B 197 -7.68 13.08 -0.96
N ARG B 198 -6.95 14.19 -0.95
CA ARG B 198 -7.06 15.19 -2.00
C ARG B 198 -6.98 14.56 -3.38
N LYS B 199 -5.81 14.05 -3.73
CA LYS B 199 -5.61 13.42 -5.03
C LYS B 199 -6.53 12.23 -5.27
N LEU B 200 -7.26 11.81 -4.24
CA LEU B 200 -8.17 10.67 -4.37
C LEU B 200 -9.53 11.12 -4.91
N LEU B 201 -9.80 12.42 -4.82
CA LEU B 201 -11.05 13.00 -5.30
C LEU B 201 -10.79 13.87 -6.54
N GLU B 202 -10.05 14.97 -6.33
CA GLU B 202 -9.72 15.90 -7.40
C GLU B 202 -8.71 15.32 -8.38
N GLY B 203 -8.55 14.00 -8.33
CA GLY B 203 -7.62 13.34 -9.23
C GLY B 203 -8.34 12.58 -10.32
N ASN B 204 -9.10 11.55 -9.92
CA ASN B 204 -9.86 10.73 -10.86
C ASN B 204 -10.71 9.71 -10.12
N MET B 213 -24.51 7.12 -3.01
CA MET B 213 -23.48 7.86 -3.72
C MET B 213 -22.07 7.47 -3.30
N ASP B 214 -21.09 8.21 -3.80
CA ASP B 214 -19.68 7.94 -3.49
C ASP B 214 -19.14 8.90 -2.43
N GLY B 215 -17.82 9.03 -2.38
CA GLY B 215 -17.19 9.91 -1.41
C GLY B 215 -15.87 9.38 -0.88
N LEU B 216 -15.77 9.27 0.44
CA LEU B 216 -14.55 8.77 1.08
C LEU B 216 -14.87 8.08 2.39
N ILE B 217 -14.20 6.96 2.64
CA ILE B 217 -14.41 6.21 3.88
C ILE B 217 -13.11 6.22 4.65
N PHE B 218 -13.19 6.40 5.96
CA PHE B 218 -11.99 6.42 6.80
C PHE B 218 -11.97 5.26 7.78
N GLN B 219 -11.03 4.35 7.58
CA GLN B 219 -10.87 3.16 8.41
C GLN B 219 -9.80 3.30 9.47
N PRO B 220 -10.15 3.05 10.75
CA PRO B 220 -9.17 3.14 11.84
C PRO B 220 -8.49 1.78 11.97
N ILE B 221 -7.38 1.72 12.71
CA ILE B 221 -6.68 0.46 12.86
C ILE B 221 -7.19 -0.44 13.98
N GLY B 222 -8.30 -0.06 14.60
CA GLY B 222 -8.85 -0.89 15.65
C GLY B 222 -9.30 -2.22 15.09
N LYS B 223 -9.67 -3.15 15.95
CA LYS B 223 -10.12 -4.46 15.49
C LYS B 223 -11.52 -4.37 14.86
N TYR B 224 -11.88 -5.36 14.06
CA TYR B 224 -13.17 -5.39 13.40
C TYR B 224 -14.32 -5.37 14.41
N LYS B 225 -15.42 -4.74 14.05
CA LYS B 225 -16.58 -4.66 14.94
C LYS B 225 -17.86 -4.65 14.14
N PRO B 226 -18.77 -5.60 14.41
CA PRO B 226 -20.05 -5.69 13.72
C PRO B 226 -21.07 -4.65 14.19
N GLY B 227 -21.87 -4.16 13.24
CA GLY B 227 -22.87 -3.16 13.58
C GLY B 227 -22.26 -1.77 13.53
N ARG B 228 -22.95 -0.79 14.11
CA ARG B 228 -22.46 0.59 14.12
C ARG B 228 -21.02 0.72 14.61
N CYS B 229 -20.20 1.36 13.78
CA CYS B 229 -18.80 1.59 14.10
C CYS B 229 -18.58 3.09 14.11
N ASP B 230 -18.67 3.70 15.28
CA ASP B 230 -18.49 5.13 15.43
C ASP B 230 -17.09 5.63 15.07
N ASP B 231 -16.23 4.72 14.61
CA ASP B 231 -14.86 5.08 14.22
C ASP B 231 -14.77 5.19 12.70
N ILE B 232 -15.46 4.30 12.00
CA ILE B 232 -15.45 4.31 10.55
C ILE B 232 -16.28 5.49 10.06
N LEU B 233 -15.60 6.48 9.49
CA LEU B 233 -16.29 7.67 9.03
C LEU B 233 -16.48 7.71 7.52
N LYS B 234 -17.73 7.69 7.07
CA LYS B 234 -18.00 7.76 5.64
C LYS B 234 -18.38 9.20 5.30
N TRP B 235 -17.44 9.90 4.68
CA TRP B 235 -17.65 11.29 4.28
C TRP B 235 -18.22 11.34 2.87
N LYS B 236 -19.00 12.38 2.59
CA LYS B 236 -19.60 12.55 1.28
C LYS B 236 -19.65 14.03 0.91
N PRO B 237 -19.30 14.37 -0.33
CA PRO B 237 -19.32 15.78 -0.76
C PRO B 237 -20.74 16.32 -0.60
N PRO B 238 -20.89 17.44 0.12
CA PRO B 238 -22.22 18.04 0.32
C PRO B 238 -23.01 18.13 -0.99
N SER B 239 -22.28 18.21 -2.10
CA SER B 239 -22.87 18.28 -3.43
C SER B 239 -23.25 16.89 -3.95
N LEU B 240 -24.54 16.54 -3.83
CA LEU B 240 -25.03 15.25 -4.28
C LEU B 240 -24.34 14.11 -3.53
N CYS B 322 -30.45 11.93 6.80
CA CYS B 322 -30.84 13.32 6.98
C CYS B 322 -29.88 14.05 7.91
N ASN B 323 -29.55 13.41 9.03
CA ASN B 323 -28.64 14.00 10.01
C ASN B 323 -27.29 14.33 9.39
N SER B 324 -27.03 13.74 8.22
CA SER B 324 -25.78 13.99 7.51
C SER B 324 -25.94 15.16 6.55
N ILE B 325 -27.02 15.15 5.79
CA ILE B 325 -27.32 16.21 4.82
C ILE B 325 -27.74 17.49 5.57
N SER B 326 -28.01 17.34 6.86
CA SER B 326 -28.43 18.46 7.70
C SER B 326 -27.28 19.46 7.88
N ASN B 327 -26.27 19.05 8.65
CA ASN B 327 -25.11 19.89 8.91
C ASN B 327 -23.83 19.16 8.48
N PRO B 328 -23.75 18.81 7.19
CA PRO B 328 -22.58 18.09 6.65
C PRO B 328 -21.29 18.90 6.74
N VAL B 329 -20.18 18.25 6.37
CA VAL B 329 -18.87 18.89 6.41
C VAL B 329 -18.45 19.26 4.98
N THR B 330 -18.00 20.49 4.80
CA THR B 330 -17.57 20.97 3.49
C THR B 330 -16.23 20.35 3.13
N LYS B 331 -16.05 20.02 1.85
CA LYS B 331 -14.81 19.43 1.38
C LYS B 331 -13.63 20.33 1.75
N GLU B 332 -13.95 21.53 2.20
CA GLU B 332 -12.94 22.51 2.59
C GLU B 332 -12.41 22.21 3.98
N MET B 333 -13.30 22.17 4.96
CA MET B 333 -12.93 21.90 6.34
C MET B 333 -12.21 20.55 6.47
N LEU B 334 -12.57 19.61 5.60
CA LEU B 334 -11.98 18.27 5.61
C LEU B 334 -10.51 18.27 5.19
N PHE B 335 -10.23 18.82 4.01
CA PHE B 335 -8.86 18.86 3.51
C PHE B 335 -7.94 19.74 4.34
N GLU B 336 -8.52 20.72 5.04
CA GLU B 336 -7.74 21.62 5.87
C GLU B 336 -7.42 20.94 7.20
N PHE B 337 -8.30 20.02 7.60
CA PHE B 337 -8.14 19.26 8.84
C PHE B 337 -7.14 18.14 8.58
N ILE B 338 -7.12 17.66 7.34
CA ILE B 338 -6.22 16.60 6.91
C ILE B 338 -4.87 17.17 6.50
N ASP B 339 -4.90 18.29 5.79
CA ASP B 339 -3.69 18.95 5.33
C ASP B 339 -2.73 19.06 6.49
N ARG B 340 -3.28 19.20 7.69
CA ARG B 340 -2.49 19.31 8.91
C ARG B 340 -1.83 17.99 9.23
N CYS B 341 -2.65 16.96 9.43
CA CYS B 341 -2.17 15.62 9.75
C CYS B 341 -1.08 15.16 8.79
N ALA B 342 -1.02 15.79 7.62
CA ALA B 342 -0.02 15.45 6.61
C ALA B 342 1.31 16.11 6.93
N ALA B 343 1.46 17.37 6.52
CA ALA B 343 2.68 18.12 6.77
C ALA B 343 3.00 18.18 8.26
N SEP C 2 2.30 -4.22 18.92
CA SEP C 2 3.31 -3.89 17.88
CB SEP C 2 4.26 -2.79 18.39
OG SEP C 2 4.53 -2.69 19.58
C SEP C 2 4.11 -5.11 17.45
O SEP C 2 4.87 -5.70 18.23
P SEP C 2 6.06 -2.90 20.15
O1P SEP C 2 6.29 -4.38 20.23
O2P SEP C 2 7.10 -2.44 19.19
O3P SEP C 2 6.18 -2.05 21.35
N PRO C 3 3.94 -5.54 16.18
CA PRO C 3 4.65 -6.70 15.63
C PRO C 3 6.07 -6.36 15.19
N SER C 4 7.05 -7.13 15.64
CA SER C 4 8.44 -6.89 15.28
C SER C 4 8.63 -7.06 13.78
N TYR C 5 9.82 -6.70 13.29
CA TYR C 5 10.10 -6.83 11.87
C TYR C 5 11.01 -8.01 11.59
N SEP C 6 10.39 -9.19 11.56
CA SEP C 6 11.08 -10.45 11.30
CB SEP C 6 10.96 -11.37 12.52
OG SEP C 6 11.37 -12.52 12.49
C SEP C 6 10.45 -11.13 10.08
O SEP C 6 9.23 -11.13 9.92
P SEP C 6 12.69 -12.99 13.32
O1P SEP C 6 12.33 -12.96 14.78
O2P SEP C 6 13.03 -14.41 13.07
O3P SEP C 6 13.82 -12.17 12.80
N PRO C 7 11.27 -11.73 9.20
CA PRO C 7 10.79 -12.40 7.99
C PRO C 7 9.89 -13.62 8.22
N THR C 8 9.66 -13.99 9.48
CA THR C 8 8.83 -15.15 9.78
C THR C 8 7.34 -14.92 9.50
N SEP C 9 6.66 -15.98 9.08
CA SEP C 9 5.22 -15.90 8.78
CB SEP C 9 4.65 -17.29 8.59
OG SEP C 9 4.22 -17.66 7.50
C SEP C 9 4.47 -15.16 9.88
O SEP C 9 4.70 -15.40 11.06
P SEP C 9 4.96 -18.83 6.65
O1P SEP C 9 5.70 -19.71 7.61
O2P SEP C 9 3.99 -19.76 6.02
O3P SEP C 9 5.66 -18.15 5.54
N PRO C 10 3.56 -14.27 9.50
CA PRO C 10 2.74 -13.48 10.44
C PRO C 10 1.75 -14.31 11.23
N SER C 11 1.49 -13.89 12.46
CA SER C 11 0.55 -14.60 13.33
C SER C 11 -0.80 -13.89 13.29
N TYR C 12 -1.77 -14.54 12.66
CA TYR C 12 -3.11 -13.99 12.54
C TYR C 12 -3.87 -14.17 13.85
N SEP C 13 -3.28 -13.69 14.93
CA SEP C 13 -3.87 -13.78 16.27
CB SEP C 13 -3.74 -15.20 16.81
OG SEP C 13 -2.66 -15.79 16.83
C SEP C 13 -3.18 -12.79 17.22
O SEP C 13 -1.94 -12.73 17.26
P SEP C 13 -2.11 -16.61 18.13
O1P SEP C 13 -1.30 -15.65 18.96
O2P SEP C 13 -3.21 -17.01 19.05
O3P SEP C 13 -1.52 -17.87 17.62
N PRO C 14 -3.97 -12.00 17.97
CA PRO C 14 -3.41 -11.03 18.91
C PRO C 14 -3.01 -11.67 20.24
N9 GUN D . 15.12 4.43 -7.91
C8 GUN D . 15.59 5.65 -7.55
N7 GUN D . 15.89 5.64 -6.24
C5 GUN D . 15.61 4.42 -5.75
C6 GUN D . 15.71 3.81 -4.48
O6 GUN D . 16.14 4.46 -3.49
N1 GUN D . 15.33 2.48 -4.30
C2 GUN D . 14.85 1.73 -5.34
N2 GUN D . 14.48 0.45 -5.14
N3 GUN D . 14.74 2.30 -6.60
C4 GUN D . 15.12 3.64 -6.82
N9 GUN E . -18.95 0.91 2.13
C8 GUN E . -19.06 0.23 0.96
N7 GUN E . -18.59 -1.02 1.11
C5 GUN E . -18.18 -1.16 2.38
C6 GUN E . -17.61 -2.22 3.13
O6 GUN E . -17.40 -3.32 2.58
N1 GUN E . -17.29 -2.04 4.46
C2 GUN E . -17.51 -0.84 5.10
N2 GUN E . -17.19 -0.69 6.40
N3 GUN E . -18.07 0.22 4.38
C4 GUN E . -18.41 0.07 3.03
#